data_4GQG
#
_entry.id   4GQG
#
_cell.length_a   89.444
_cell.length_b   89.444
_cell.length_c   78.089
_cell.angle_alpha   90.00
_cell.angle_beta   90.00
_cell.angle_gamma   120.00
#
_symmetry.space_group_name_H-M   'P 61'
#
loop_
_entity.id
_entity.type
_entity.pdbx_description
1 polymer 'Aldo-keto reductase family 1 member B10'
2 non-polymer 'NADP NICOTINAMIDE-ADENINE-DINUCLEOTIDE PHOSPHATE'
3 water water
#
_entity_poly.entity_id   1
_entity_poly.type   'polypeptide(L)'
_entity_poly.pdbx_seq_one_letter_code
;SHMATFVELSTKAKMPIVGLGTWKSPLGKVKEAVKVAIDAGYRHIDCAYVYQNEHEVGEAIQEKIQEKAVKREDLFIVSK
LWPTFFERPLVRKAFEKTLKDLKLSYLDVYLIHWPQGFKSGDDLFPKDDKGNAIGGKATFLDAWEAMEELVDEGLVKALG
VSNFSHFQIEKLLNKPGLKYKPVTNQVECHPYLTQEKLIQYCHSKGITVTAYSPLGSPDRPWAKPEDPSLLEDPKIKEIA
AKHKKTAAQVLIRFHIQRNVIVIPKSVTPARIVENIQVFDFKLSDEEMATILSFNRNWRACNVLQSSHLEDYPFDAEY
;
_entity_poly.pdbx_strand_id   A
#
loop_
_chem_comp.id
_chem_comp.type
_chem_comp.name
_chem_comp.formula
NAP non-polymer 'NADP NICOTINAMIDE-ADENINE-DINUCLEOTIDE PHOSPHATE' 'C21 H28 N7 O17 P3'
#
# COMPACT_ATOMS: atom_id res chain seq x y z
N SER A 1 -22.30 -6.75 8.11
CA SER A 1 -21.06 -6.88 8.98
C SER A 1 -20.01 -7.88 8.33
N HIS A 2 -18.88 -7.32 7.93
CA HIS A 2 -17.87 -8.10 7.24
C HIS A 2 -16.58 -8.10 8.01
N MET A 3 -15.80 -9.15 7.83
CA MET A 3 -14.47 -9.16 8.37
C MET A 3 -13.50 -9.77 7.42
N ALA A 4 -12.45 -9.02 7.07
CA ALA A 4 -11.42 -9.58 6.26
C ALA A 4 -10.56 -10.56 7.07
N THR A 5 -10.21 -11.68 6.43
CA THR A 5 -9.21 -12.61 6.94
C THR A 5 -7.97 -11.86 7.43
N PHE A 6 -7.37 -12.42 8.44
CA PHE A 6 -6.13 -11.88 8.94
C PHE A 6 -4.97 -12.58 8.23
N VAL A 7 -3.94 -11.81 7.86
CA VAL A 7 -2.68 -12.42 7.45
C VAL A 7 -1.72 -12.20 8.65
N GLU A 8 -1.08 -13.26 9.12
CA GLU A 8 -0.13 -13.11 10.26
C GLU A 8 1.21 -12.53 9.82
N LEU A 9 1.70 -11.49 10.49
CA LEU A 9 3.00 -10.88 10.12
C LEU A 9 4.08 -11.62 10.92
N SER A 10 5.34 -11.37 10.60
CA SER A 10 6.47 -12.02 11.30
C SER A 10 6.50 -11.62 12.77
N THR A 11 5.92 -10.47 13.13
CA THR A 11 5.78 -10.01 14.53
C THR A 11 4.61 -10.66 15.26
N LYS A 12 3.87 -11.51 14.59
CA LYS A 12 2.61 -12.11 15.09
C LYS A 12 1.43 -11.17 15.11
N ALA A 13 1.60 -9.88 14.79
CA ALA A 13 0.42 -9.02 14.62
C ALA A 13 -0.43 -9.54 13.44
N LYS A 14 -1.74 -9.16 13.41
CA LYS A 14 -2.63 -9.73 12.43
C LYS A 14 -3.09 -8.61 11.50
N MET A 15 -2.75 -8.72 10.20
CA MET A 15 -3.00 -7.60 9.33
C MET A 15 -4.20 -7.99 8.45
N PRO A 16 -5.29 -7.22 8.43
CA PRO A 16 -6.48 -7.62 7.59
C PRO A 16 -6.12 -7.65 6.11
N ILE A 17 -6.53 -8.72 5.43
CA ILE A 17 -6.08 -8.96 4.09
C ILE A 17 -6.77 -8.00 3.07
N VAL A 18 -7.89 -7.36 3.42
CA VAL A 18 -8.40 -6.26 2.60
C VAL A 18 -8.30 -4.96 3.42
N GLY A 19 -7.80 -3.88 2.82
CA GLY A 19 -7.84 -2.57 3.46
C GLY A 19 -8.37 -1.51 2.50
N LEU A 20 -8.62 -0.29 3.00
CA LEU A 20 -9.15 0.83 2.16
C LEU A 20 -7.98 1.70 1.70
N GLY A 21 -7.82 1.85 0.39
CA GLY A 21 -6.83 2.82 -0.15
C GLY A 21 -7.32 4.24 -0.11
N THR A 22 -6.41 5.18 0.06
CA THR A 22 -6.82 6.61 0.16
C THR A 22 -6.08 7.57 -0.79
N TRP A 23 -5.21 7.04 -1.68
CA TRP A 23 -4.49 7.89 -2.64
C TRP A 23 -5.53 8.47 -3.65
N LYS A 24 -5.53 9.79 -3.84
CA LYS A 24 -6.50 10.47 -4.72
C LYS A 24 -7.89 10.60 -4.09
N SER A 25 -8.08 10.17 -2.82
CA SER A 25 -9.39 10.36 -2.20
C SER A 25 -9.43 11.83 -1.73
N PRO A 26 -10.31 12.63 -2.35
CA PRO A 26 -10.19 14.10 -2.24
C PRO A 26 -10.56 14.57 -0.81
N LEU A 27 -10.08 15.74 -0.36
CA LEU A 27 -10.67 16.34 0.87
C LEU A 27 -12.14 16.61 0.66
N GLY A 28 -12.94 16.42 1.68
CA GLY A 28 -14.37 16.54 1.55
C GLY A 28 -15.07 15.28 1.11
N LYS A 29 -14.35 14.26 0.60
CA LYS A 29 -14.91 12.89 0.38
C LYS A 29 -14.29 11.72 1.20
N VAL A 30 -13.00 11.84 1.49
CA VAL A 30 -12.26 10.81 2.26
C VAL A 30 -12.79 10.56 3.65
N LYS A 31 -13.25 11.60 4.35
CA LYS A 31 -13.78 11.38 5.69
C LYS A 31 -14.97 10.41 5.69
N GLU A 32 -15.95 10.71 4.83
CA GLU A 32 -17.09 9.78 4.69
C GLU A 32 -16.65 8.37 4.20
N ALA A 33 -15.67 8.30 3.30
CA ALA A 33 -15.29 7.02 2.72
C ALA A 33 -14.80 6.09 3.87
N VAL A 34 -13.99 6.68 4.75
CA VAL A 34 -13.43 5.96 5.91
C VAL A 34 -14.51 5.57 6.91
N LYS A 35 -15.47 6.49 7.18
CA LYS A 35 -16.63 6.12 8.03
C LYS A 35 -17.41 4.96 7.48
N VAL A 36 -17.77 5.05 6.20
CA VAL A 36 -18.48 3.97 5.53
C VAL A 36 -17.70 2.67 5.59
N ALA A 37 -16.40 2.74 5.32
CA ALA A 37 -15.60 1.49 5.37
C ALA A 37 -15.64 0.93 6.77
N ILE A 38 -15.42 1.78 7.79
CA ILE A 38 -15.41 1.25 9.15
C ILE A 38 -16.79 0.65 9.46
N ASP A 39 -17.87 1.31 9.03
CA ASP A 39 -19.23 0.73 9.34
C ASP A 39 -19.39 -0.65 8.73
N ALA A 40 -18.83 -0.82 7.53
CA ALA A 40 -18.99 -2.07 6.79
C ALA A 40 -18.14 -3.18 7.38
N GLY A 41 -17.13 -2.81 8.15
CA GLY A 41 -16.25 -3.80 8.79
C GLY A 41 -14.79 -3.74 8.34
N TYR A 42 -14.41 -2.77 7.50
CA TYR A 42 -12.97 -2.60 7.22
C TYR A 42 -12.32 -2.22 8.52
N ARG A 43 -11.11 -2.71 8.74
CA ARG A 43 -10.27 -2.31 9.91
C ARG A 43 -8.87 -1.77 9.45
N HIS A 44 -8.43 -2.21 8.26
CA HIS A 44 -7.16 -1.76 7.64
C HIS A 44 -7.43 -0.54 6.75
N ILE A 45 -6.78 0.60 7.07
CA ILE A 45 -6.79 1.75 6.22
C ILE A 45 -5.35 2.05 5.77
N ASP A 46 -5.13 2.20 4.44
CA ASP A 46 -3.81 2.54 3.90
C ASP A 46 -3.73 4.05 3.60
N CYS A 47 -2.71 4.73 4.16
CA CYS A 47 -2.62 6.19 4.22
C CYS A 47 -1.22 6.62 3.77
N ALA A 48 -1.01 7.90 3.52
CA ALA A 48 0.39 8.40 3.35
C ALA A 48 0.47 9.92 3.53
N TYR A 49 1.64 10.37 4.02
CA TYR A 49 1.89 11.76 4.19
C TYR A 49 1.63 12.48 2.81
N VAL A 50 2.11 11.88 1.74
CA VAL A 50 2.07 12.52 0.42
C VAL A 50 0.65 12.64 -0.13
N TYR A 51 -0.31 11.86 0.37
CA TYR A 51 -1.68 11.95 -0.16
C TYR A 51 -2.34 13.23 0.32
N GLN A 52 -1.72 13.90 1.29
CA GLN A 52 -2.22 15.14 1.87
C GLN A 52 -3.69 15.19 2.31
N ASN A 53 -4.22 14.07 2.77
CA ASN A 53 -5.56 13.99 3.34
C ASN A 53 -5.60 13.27 4.71
N GLU A 54 -4.42 12.95 5.32
CA GLU A 54 -4.43 12.19 6.58
C GLU A 54 -5.25 12.85 7.71
N HIS A 55 -5.38 14.17 7.66
CA HIS A 55 -6.14 14.79 8.76
C HIS A 55 -7.59 14.43 8.68
N GLU A 56 -8.13 14.23 7.45
CA GLU A 56 -9.56 13.86 7.35
C GLU A 56 -9.79 12.39 7.69
N VAL A 57 -8.84 11.53 7.30
CA VAL A 57 -8.79 10.16 7.80
C VAL A 57 -8.80 10.18 9.33
N GLY A 58 -7.97 11.07 9.92
CA GLY A 58 -7.83 11.08 11.41
C GLY A 58 -9.16 11.43 12.04
N GLU A 59 -9.88 12.37 11.39
CA GLU A 59 -11.21 12.84 11.86
C GLU A 59 -12.24 11.74 11.84
N ALA A 60 -12.27 11.00 10.73
CA ALA A 60 -13.18 9.86 10.64
C ALA A 60 -12.92 8.83 11.73
N ILE A 61 -11.62 8.48 11.90
CA ILE A 61 -11.28 7.45 12.90
C ILE A 61 -11.66 7.88 14.32
N GLN A 62 -11.29 9.11 14.66
CA GLN A 62 -11.61 9.64 15.99
C GLN A 62 -13.12 9.64 16.25
N GLU A 63 -13.88 10.07 15.25
CA GLU A 63 -15.33 10.11 15.42
C GLU A 63 -15.93 8.73 15.59
N LYS A 64 -15.46 7.73 14.84
CA LYS A 64 -15.97 6.36 15.00
C LYS A 64 -15.52 5.77 16.31
N ILE A 65 -14.34 6.16 16.81
CA ILE A 65 -13.90 5.64 18.15
C ILE A 65 -14.81 6.21 19.26
N GLN A 66 -15.05 7.52 19.20
CA GLN A 66 -15.99 8.21 20.14
C GLN A 66 -17.38 7.59 20.09
N GLU A 67 -17.92 7.39 18.90
CA GLU A 67 -19.18 6.71 18.73
C GLU A 67 -19.23 5.30 19.27
N LYS A 68 -18.10 4.69 19.60
CA LYS A 68 -18.03 3.25 19.96
C LYS A 68 -18.40 2.27 18.83
N ALA A 69 -18.20 2.71 17.59
CA ALA A 69 -18.38 1.84 16.43
C ALA A 69 -17.18 0.90 16.33
N VAL A 70 -16.03 1.31 16.86
CA VAL A 70 -14.83 0.45 16.75
C VAL A 70 -13.85 0.83 17.86
N LYS A 71 -13.00 -0.11 18.28
CA LYS A 71 -11.90 0.21 19.19
C LYS A 71 -10.55 0.39 18.42
N ARG A 72 -9.64 1.21 18.94
CA ARG A 72 -8.33 1.47 18.31
C ARG A 72 -7.59 0.17 18.03
N GLU A 73 -7.61 -0.75 19.00
CA GLU A 73 -6.83 -1.98 18.88
C GLU A 73 -7.30 -2.93 17.76
N ASP A 74 -8.54 -2.75 17.32
CA ASP A 74 -9.04 -3.52 16.20
C ASP A 74 -8.78 -2.80 14.87
N LEU A 75 -8.33 -1.55 14.88
CA LEU A 75 -7.98 -0.90 13.65
C LEU A 75 -6.52 -1.21 13.31
N PHE A 76 -6.20 -1.02 12.01
CA PHE A 76 -4.87 -1.36 11.53
C PHE A 76 -4.49 -0.29 10.56
N ILE A 77 -3.69 0.67 11.01
CA ILE A 77 -3.49 1.88 10.29
C ILE A 77 -2.07 1.91 9.77
N VAL A 78 -1.96 2.15 8.44
CA VAL A 78 -0.62 2.07 7.75
C VAL A 78 -0.36 3.45 7.15
N SER A 79 0.83 3.99 7.36
CA SER A 79 1.24 5.20 6.68
C SER A 79 2.66 5.03 6.11
N LYS A 80 3.20 6.07 5.45
CA LYS A 80 4.45 5.89 4.72
C LYS A 80 5.29 7.17 4.81
N LEU A 81 6.61 6.96 4.87
CA LEU A 81 7.65 8.02 4.83
C LEU A 81 8.08 8.31 3.40
N TRP A 82 7.85 9.57 3.01
CA TRP A 82 8.16 10.12 1.68
C TRP A 82 9.65 10.42 1.57
N PRO A 83 10.27 10.10 0.43
CA PRO A 83 11.76 10.09 0.33
C PRO A 83 12.47 11.46 0.41
N THR A 84 11.72 12.56 0.44
CA THR A 84 12.39 13.86 0.74
C THR A 84 12.64 13.99 2.24
N PHE A 85 12.29 12.96 3.04
CA PHE A 85 12.41 13.08 4.53
C PHE A 85 13.30 11.99 5.13
N PHE A 86 14.28 11.54 4.41
CA PHE A 86 15.11 10.41 4.87
C PHE A 86 16.15 10.81 5.93
N GLU A 87 16.55 12.08 5.96
CA GLU A 87 17.49 12.64 6.98
C GLU A 87 16.89 12.54 8.36
N ARG A 88 17.70 12.13 9.32
CA ARG A 88 17.16 11.67 10.61
C ARG A 88 16.16 12.59 11.33
N PRO A 89 16.49 13.92 11.50
CA PRO A 89 15.49 14.82 12.17
C PRO A 89 14.18 14.88 11.37
N LEU A 90 14.30 14.74 10.04
CA LEU A 90 13.14 14.80 9.15
C LEU A 90 12.26 13.56 9.23
N VAL A 91 12.86 12.37 9.50
CA VAL A 91 12.08 11.17 9.63
C VAL A 91 11.15 11.47 10.77
N ARG A 92 11.68 12.06 11.83
CA ARG A 92 10.87 12.17 13.02
C ARG A 92 9.83 13.27 12.89
N LYS A 93 10.16 14.37 12.20
CA LYS A 93 9.20 15.44 11.94
C LYS A 93 8.06 15.03 10.97
N ALA A 94 8.41 14.31 9.89
CA ALA A 94 7.39 13.80 8.95
C ALA A 94 6.50 12.81 9.71
N PHE A 95 7.11 11.88 10.46
CA PHE A 95 6.29 10.93 11.22
C PHE A 95 5.34 11.62 12.20
N GLU A 96 5.86 12.56 12.99
CA GLU A 96 5.01 13.31 13.93
C GLU A 96 3.85 14.02 13.26
N LYS A 97 4.08 14.65 12.11
CA LYS A 97 2.96 15.23 11.30
C LYS A 97 1.84 14.22 10.89
N THR A 98 2.25 13.08 10.32
CA THR A 98 1.32 11.95 10.05
C THR A 98 0.58 11.53 11.29
N LEU A 99 1.29 11.38 12.40
CA LEU A 99 0.60 10.83 13.60
C LEU A 99 -0.36 11.86 14.19
N LYS A 100 0.02 13.13 14.11
CA LYS A 100 -0.81 14.26 14.54
C LYS A 100 -2.08 14.38 13.65
N ASP A 101 -1.90 14.42 12.32
CA ASP A 101 -3.01 14.49 11.37
C ASP A 101 -3.96 13.34 11.61
N LEU A 102 -3.40 12.15 11.80
CA LEU A 102 -4.22 10.95 11.93
C LEU A 102 -4.84 10.91 13.30
N LYS A 103 -4.39 11.78 14.21
CA LYS A 103 -4.92 11.84 15.60
C LYS A 103 -4.75 10.50 16.33
N LEU A 104 -3.63 9.84 16.12
CA LEU A 104 -3.39 8.58 16.78
C LEU A 104 -2.25 8.69 17.79
N SER A 105 -2.12 7.68 18.62
CA SER A 105 -0.95 7.67 19.51
C SER A 105 0.13 6.69 19.02
N TYR A 106 -0.21 5.87 18.00
CA TYR A 106 0.72 4.88 17.41
C TYR A 106 0.25 4.49 16.02
N LEU A 107 1.19 4.05 15.17
CA LEU A 107 0.83 3.42 13.88
C LEU A 107 1.05 1.94 13.93
N ASP A 108 0.24 1.19 13.16
CA ASP A 108 0.40 -0.22 13.14
C ASP A 108 1.57 -0.60 12.23
N VAL A 109 1.71 0.09 11.10
CA VAL A 109 2.88 -0.15 10.21
C VAL A 109 3.30 1.17 9.62
N TYR A 110 4.61 1.41 9.55
CA TYR A 110 5.10 2.63 8.91
C TYR A 110 6.04 2.14 7.81
N LEU A 111 5.79 2.59 6.57
CA LEU A 111 6.51 2.12 5.35
C LEU A 111 7.46 3.16 4.81
N ILE A 112 8.63 2.73 4.34
CA ILE A 112 9.35 3.57 3.36
C ILE A 112 8.54 3.54 2.04
N HIS A 113 8.20 4.71 1.55
CA HIS A 113 7.24 4.79 0.48
C HIS A 113 7.91 4.49 -0.85
N TRP A 114 9.19 4.81 -0.97
CA TRP A 114 9.90 4.61 -2.26
C TRP A 114 11.40 4.51 -1.91
N PRO A 115 12.18 3.70 -2.67
CA PRO A 115 13.55 3.43 -2.09
C PRO A 115 14.64 4.55 -2.31
N GLN A 116 14.42 5.45 -3.28
CA GLN A 116 15.44 6.47 -3.59
C GLN A 116 15.19 7.75 -2.77
N GLY A 117 16.21 8.25 -2.07
CA GLY A 117 16.06 9.48 -1.24
C GLY A 117 16.09 10.69 -2.18
N PHE A 118 15.29 11.68 -1.88
CA PHE A 118 15.21 12.85 -2.74
C PHE A 118 15.66 14.04 -1.90
N LYS A 119 16.07 15.09 -2.60
CA LYS A 119 16.56 16.32 -1.99
C LYS A 119 15.54 16.81 -0.98
N SER A 120 15.96 17.13 0.24
CA SER A 120 15.08 17.73 1.22
C SER A 120 14.80 19.26 0.93
N GLY A 121 13.80 19.82 1.62
CA GLY A 121 13.32 21.17 1.32
C GLY A 121 11.82 21.18 1.20
N ASP A 122 11.27 22.28 0.70
CA ASP A 122 9.83 22.40 0.54
C ASP A 122 9.23 21.48 -0.53
N ASP A 123 9.85 21.32 -1.68
CA ASP A 123 9.17 20.58 -2.77
C ASP A 123 9.10 19.08 -2.40
N LEU A 124 7.95 18.45 -2.64
CA LEU A 124 7.79 17.05 -2.39
C LEU A 124 8.43 16.30 -3.54
N PHE A 125 8.53 16.96 -4.68
CA PHE A 125 9.02 16.30 -5.88
C PHE A 125 10.15 17.13 -6.49
N PRO A 126 11.27 17.31 -5.76
CA PRO A 126 12.32 18.24 -6.23
C PRO A 126 12.88 17.83 -7.58
N LYS A 127 13.00 18.81 -8.50
CA LYS A 127 13.49 18.50 -9.85
C LYS A 127 14.45 19.58 -10.27
N ASP A 128 15.35 19.23 -11.17
CA ASP A 128 16.29 20.24 -11.71
C ASP A 128 15.57 21.07 -12.80
N ASP A 129 16.29 22.03 -13.37
CA ASP A 129 15.75 22.84 -14.48
C ASP A 129 15.21 22.06 -15.64
N LYS A 130 15.72 20.84 -15.84
CA LYS A 130 15.30 19.98 -16.94
C LYS A 130 14.22 19.02 -16.49
N GLY A 131 13.80 19.12 -15.22
CA GLY A 131 12.72 18.28 -14.71
C GLY A 131 13.08 16.88 -14.27
N ASN A 132 14.38 16.60 -14.13
CA ASN A 132 14.82 15.31 -13.58
C ASN A 132 14.84 15.40 -12.05
N ALA A 133 14.43 14.30 -11.42
CA ALA A 133 14.39 14.21 -9.95
C ALA A 133 15.77 14.45 -9.30
N ILE A 134 15.86 15.25 -8.25
CA ILE A 134 17.12 15.46 -7.57
C ILE A 134 17.32 14.52 -6.36
N GLY A 135 18.39 13.73 -6.35
CA GLY A 135 18.70 12.80 -5.23
C GLY A 135 19.01 13.53 -3.93
N GLY A 136 18.85 12.86 -2.80
CA GLY A 136 19.20 13.42 -1.50
C GLY A 136 20.47 12.86 -0.91
N LYS A 137 20.72 13.26 0.32
CA LYS A 137 21.91 12.87 1.07
C LYS A 137 21.72 11.55 1.84
N ALA A 138 20.56 11.29 2.40
CA ALA A 138 20.37 10.10 3.22
C ALA A 138 19.86 8.95 2.40
N THR A 139 20.26 7.72 2.71
CA THR A 139 19.73 6.59 1.93
C THR A 139 18.47 5.99 2.59
N PHE A 140 17.84 4.97 1.94
CA PHE A 140 16.74 4.27 2.63
C PHE A 140 17.26 3.52 3.90
N LEU A 141 18.54 3.08 3.90
CA LEU A 141 19.12 2.43 5.08
C LEU A 141 19.25 3.44 6.23
N ASP A 142 19.60 4.69 5.94
CA ASP A 142 19.64 5.77 6.96
C ASP A 142 18.22 5.99 7.53
N ALA A 143 17.25 6.15 6.62
CA ALA A 143 15.90 6.35 7.12
C ALA A 143 15.46 5.19 7.96
N TRP A 144 15.79 3.95 7.55
CA TRP A 144 15.31 2.83 8.33
C TRP A 144 15.79 2.91 9.76
N GLU A 145 17.07 3.31 9.96
CA GLU A 145 17.61 3.48 11.31
C GLU A 145 16.81 4.39 12.18
N ALA A 146 16.36 5.49 11.63
CA ALA A 146 15.53 6.41 12.38
C ALA A 146 14.11 5.85 12.62
N MET A 147 13.61 5.09 11.65
CA MET A 147 12.29 4.43 11.84
C MET A 147 12.37 3.36 12.96
N GLU A 148 13.48 2.63 13.07
CA GLU A 148 13.60 1.63 14.17
C GLU A 148 13.44 2.28 15.53
N GLU A 149 13.94 3.49 15.66
CA GLU A 149 13.76 4.23 16.93
C GLU A 149 12.29 4.41 17.28
N LEU A 150 11.44 4.62 16.28
CA LEU A 150 10.03 4.79 16.53
C LEU A 150 9.43 3.53 17.08
N VAL A 151 9.96 2.38 16.69
CA VAL A 151 9.43 1.10 17.18
C VAL A 151 9.90 0.89 18.64
N ASP A 152 11.14 1.25 18.88
CA ASP A 152 11.69 1.19 20.26
C ASP A 152 10.84 2.02 21.19
N GLU A 153 10.41 3.21 20.74
CA GLU A 153 9.59 4.10 21.53
C GLU A 153 8.13 3.78 21.64
N GLY A 154 7.66 2.73 20.99
CA GLY A 154 6.27 2.29 21.15
C GLY A 154 5.35 3.07 20.23
N LEU A 155 5.87 3.89 19.33
CA LEU A 155 5.01 4.72 18.49
C LEU A 155 4.62 4.01 17.17
N VAL A 156 5.35 2.98 16.73
CA VAL A 156 4.98 2.22 15.55
C VAL A 156 5.14 0.75 15.92
N LYS A 157 4.24 -0.13 15.50
CA LYS A 157 4.30 -1.53 15.89
C LYS A 157 5.23 -2.32 14.99
N ALA A 158 5.30 -1.92 13.69
CA ALA A 158 6.14 -2.69 12.77
C ALA A 158 6.49 -1.79 11.59
N LEU A 159 7.62 -2.09 10.95
CA LEU A 159 8.06 -1.27 9.83
C LEU A 159 7.87 -2.08 8.53
N GLY A 160 7.80 -1.38 7.38
CA GLY A 160 7.83 -2.15 6.14
C GLY A 160 8.36 -1.28 4.99
N VAL A 161 8.25 -1.83 3.78
CA VAL A 161 8.82 -1.11 2.63
C VAL A 161 7.74 -1.07 1.50
N SER A 162 7.97 -0.20 0.52
CA SER A 162 7.03 -0.11 -0.62
C SER A 162 7.84 0.15 -1.86
N ASN A 163 7.48 -0.47 -3.01
CA ASN A 163 8.26 -0.25 -4.28
C ASN A 163 9.74 -0.70 -4.13
N PHE A 164 9.95 -1.80 -3.38
CA PHE A 164 11.29 -2.40 -3.27
C PHE A 164 11.42 -3.61 -4.14
N SER A 165 12.57 -3.72 -4.83
CA SER A 165 12.90 -4.98 -5.53
C SER A 165 13.56 -5.95 -4.53
N HIS A 166 13.73 -7.20 -4.94
CA HIS A 166 14.39 -8.13 -4.03
C HIS A 166 15.78 -7.75 -3.69
N PHE A 167 16.46 -7.02 -4.60
CA PHE A 167 17.83 -6.57 -4.35
C PHE A 167 17.82 -5.53 -3.21
N GLN A 168 16.83 -4.64 -3.20
CA GLN A 168 16.84 -3.63 -2.19
C GLN A 168 16.47 -4.24 -0.82
N ILE A 169 15.58 -5.22 -0.83
CA ILE A 169 15.24 -5.93 0.43
C ILE A 169 16.47 -6.71 0.93
N GLU A 170 17.23 -7.32 0.01
CA GLU A 170 18.48 -8.03 0.44
C GLU A 170 19.40 -7.07 1.14
N LYS A 171 19.58 -5.89 0.58
CA LYS A 171 20.37 -4.85 1.20
C LYS A 171 19.88 -4.47 2.57
N LEU A 172 18.55 -4.35 2.74
CA LEU A 172 18.03 -4.05 4.04
C LEU A 172 18.27 -5.23 5.03
N LEU A 173 17.94 -6.47 4.61
CA LEU A 173 18.01 -7.65 5.52
C LEU A 173 19.49 -7.89 5.89
N ASN A 174 20.38 -7.43 5.03
CA ASN A 174 21.80 -7.60 5.32
C ASN A 174 22.48 -6.46 5.99
N LYS A 175 21.75 -5.39 6.31
CA LYS A 175 22.32 -4.21 6.92
C LYS A 175 22.93 -4.58 8.32
N PRO A 176 24.14 -4.10 8.60
CA PRO A 176 24.80 -4.38 9.89
C PRO A 176 23.98 -3.75 10.98
N GLY A 177 23.76 -4.47 12.07
CA GLY A 177 23.01 -3.95 13.22
C GLY A 177 21.51 -3.70 13.01
N LEU A 178 20.95 -4.34 11.98
CA LEU A 178 19.51 -4.28 11.68
C LEU A 178 18.78 -4.67 12.94
N LYS A 179 17.89 -3.82 13.42
CA LYS A 179 17.02 -4.22 14.55
C LYS A 179 15.65 -4.83 14.19
N TYR A 180 14.97 -4.28 13.17
CA TYR A 180 13.59 -4.72 12.88
C TYR A 180 13.46 -5.11 11.43
N LYS A 181 12.73 -6.17 11.11
CA LYS A 181 12.69 -6.63 9.71
C LYS A 181 11.43 -6.06 9.07
N PRO A 182 11.44 -5.86 7.71
CA PRO A 182 10.20 -5.32 7.12
C PRO A 182 9.14 -6.42 7.17
N VAL A 183 7.90 -6.05 7.57
CA VAL A 183 6.80 -7.01 7.68
C VAL A 183 5.99 -7.13 6.41
N THR A 184 6.10 -6.12 5.52
CA THR A 184 5.43 -6.20 4.21
C THR A 184 6.18 -5.39 3.19
N ASN A 185 6.00 -5.76 1.91
CA ASN A 185 6.47 -4.97 0.79
C ASN A 185 5.22 -4.61 -0.01
N GLN A 186 4.90 -3.30 -0.04
CA GLN A 186 3.69 -2.81 -0.72
C GLN A 186 4.06 -2.40 -2.14
N VAL A 187 3.54 -3.14 -3.14
CA VAL A 187 3.96 -2.93 -4.55
C VAL A 187 2.69 -3.09 -5.41
N GLU A 188 2.74 -2.55 -6.64
CA GLU A 188 1.69 -2.73 -7.59
C GLU A 188 1.49 -4.21 -7.89
N CYS A 189 0.25 -4.70 -7.92
CA CYS A 189 0.07 -6.07 -8.36
C CYS A 189 -1.36 -6.34 -8.78
N HIS A 190 -1.55 -7.15 -9.83
CA HIS A 190 -2.87 -7.38 -10.42
C HIS A 190 -2.62 -8.33 -11.56
N PRO A 191 -3.67 -8.77 -12.30
CA PRO A 191 -3.44 -9.80 -13.35
C PRO A 191 -2.57 -9.35 -14.55
N TYR A 192 -2.30 -8.07 -14.70
CA TYR A 192 -1.38 -7.62 -15.74
C TYR A 192 0.05 -7.43 -15.22
N LEU A 193 0.22 -7.64 -13.93
CA LEU A 193 1.55 -7.47 -13.31
C LEU A 193 1.56 -8.40 -12.07
N THR A 194 1.76 -9.67 -12.34
CA THR A 194 1.44 -10.69 -11.34
C THR A 194 2.55 -10.82 -10.26
N GLN A 195 3.75 -10.25 -10.52
CA GLN A 195 4.81 -10.23 -9.49
C GLN A 195 5.17 -11.62 -8.98
N GLU A 196 5.14 -12.64 -9.82
CA GLU A 196 5.37 -13.98 -9.31
C GLU A 196 6.67 -14.18 -8.58
N LYS A 197 7.74 -13.72 -9.17
CA LYS A 197 9.02 -13.94 -8.49
C LYS A 197 9.22 -13.08 -7.24
N LEU A 198 8.74 -11.83 -7.25
CA LEU A 198 8.91 -10.95 -6.12
C LEU A 198 8.08 -11.49 -4.95
N ILE A 199 6.86 -11.97 -5.24
CA ILE A 199 6.01 -12.57 -4.15
C ILE A 199 6.71 -13.83 -3.57
N GLN A 200 7.16 -14.70 -4.48
CA GLN A 200 7.88 -15.94 -4.07
C GLN A 200 9.04 -15.55 -3.15
N TYR A 201 9.88 -14.60 -3.61
CA TYR A 201 11.00 -14.11 -2.77
C TYR A 201 10.54 -13.59 -1.38
N CYS A 202 9.59 -12.65 -1.40
CA CYS A 202 9.13 -12.02 -0.14
C CYS A 202 8.63 -13.11 0.81
N HIS A 203 7.81 -14.02 0.31
CA HIS A 203 7.24 -15.05 1.22
C HIS A 203 8.34 -15.93 1.78
N SER A 204 9.38 -16.16 1.00
CA SER A 204 10.48 -17.09 1.39
C SER A 204 11.24 -16.42 2.53
N LYS A 205 11.11 -15.07 2.67
CA LYS A 205 11.80 -14.29 3.74
C LYS A 205 10.87 -13.93 4.90
N GLY A 206 9.65 -14.42 4.85
CA GLY A 206 8.67 -14.12 5.92
C GLY A 206 8.18 -12.67 5.80
N ILE A 207 8.23 -12.15 4.56
CA ILE A 207 7.75 -10.77 4.32
C ILE A 207 6.45 -10.82 3.52
N THR A 208 5.39 -10.22 4.05
CA THR A 208 4.09 -10.22 3.29
C THR A 208 4.20 -9.31 2.11
N VAL A 209 3.23 -9.41 1.19
CA VAL A 209 3.17 -8.39 0.08
C VAL A 209 1.80 -7.74 0.18
N THR A 210 1.74 -6.44 -0.02
CA THR A 210 0.48 -5.72 -0.08
C THR A 210 0.37 -5.23 -1.55
N ALA A 211 -0.73 -5.59 -2.19
CA ALA A 211 -0.97 -5.22 -3.63
C ALA A 211 -1.64 -3.90 -3.74
N TYR A 212 -0.96 -2.92 -4.34
CA TYR A 212 -1.62 -1.70 -4.57
C TYR A 212 -2.08 -1.61 -6.02
N SER A 213 -2.88 -0.58 -6.28
CA SER A 213 -3.56 -0.47 -7.62
C SER A 213 -4.08 -1.80 -8.13
N PRO A 214 -4.84 -2.54 -7.29
CA PRO A 214 -5.31 -3.86 -7.74
C PRO A 214 -6.41 -3.75 -8.84
N LEU A 215 -7.13 -2.61 -8.93
CA LEU A 215 -8.16 -2.43 -9.98
C LEU A 215 -7.62 -1.72 -11.24
N GLY A 216 -6.32 -1.42 -11.21
CA GLY A 216 -5.67 -0.84 -12.38
C GLY A 216 -5.65 0.65 -12.23
N SER A 217 -5.94 1.16 -11.03
CA SER A 217 -5.86 2.58 -10.77
C SER A 217 -6.45 3.44 -11.95
N PRO A 218 -7.75 3.25 -12.28
CA PRO A 218 -8.34 3.94 -13.47
C PRO A 218 -8.36 5.44 -13.32
N ASP A 219 -8.30 5.94 -12.07
CA ASP A 219 -8.29 7.35 -11.82
C ASP A 219 -6.89 8.00 -11.77
N ARG A 220 -5.84 7.25 -12.07
CA ARG A 220 -4.49 7.83 -12.08
C ARG A 220 -4.50 8.95 -13.16
N PRO A 221 -3.87 10.08 -12.86
CA PRO A 221 -3.89 11.24 -13.80
C PRO A 221 -3.40 10.90 -15.23
N TRP A 222 -2.26 10.16 -15.30
CA TRP A 222 -1.63 9.79 -16.57
C TRP A 222 -2.30 8.66 -17.34
N ALA A 223 -3.48 8.15 -16.93
CA ALA A 223 -4.13 7.10 -17.71
C ALA A 223 -4.31 7.50 -19.19
N LYS A 224 -4.08 6.59 -20.10
CA LYS A 224 -4.39 6.80 -21.49
C LYS A 224 -5.44 5.81 -22.01
N PRO A 225 -6.33 6.20 -22.92
CA PRO A 225 -7.43 5.28 -23.22
C PRO A 225 -6.95 3.91 -23.78
N GLU A 226 -5.81 3.91 -24.45
CA GLU A 226 -5.29 2.64 -25.01
C GLU A 226 -4.56 1.81 -23.94
N ASP A 227 -4.30 2.37 -22.75
CA ASP A 227 -3.71 1.58 -21.60
C ASP A 227 -4.62 0.41 -21.25
N PRO A 228 -4.06 -0.80 -20.96
CA PRO A 228 -4.89 -1.93 -20.60
C PRO A 228 -5.86 -1.49 -19.48
N SER A 229 -7.07 -1.99 -19.49
CA SER A 229 -8.09 -1.68 -18.44
C SER A 229 -8.62 -2.93 -17.83
N LEU A 230 -8.11 -3.30 -16.63
CA LEU A 230 -8.54 -4.55 -15.95
C LEU A 230 -10.05 -4.59 -15.71
N LEU A 231 -10.64 -3.46 -15.30
CA LEU A 231 -12.08 -3.45 -14.89
C LEU A 231 -12.97 -3.68 -16.10
N GLU A 232 -12.46 -3.37 -17.30
CA GLU A 232 -13.21 -3.70 -18.54
C GLU A 232 -12.75 -5.00 -19.26
N ASP A 233 -11.77 -5.74 -18.73
CA ASP A 233 -11.28 -6.93 -19.43
C ASP A 233 -12.41 -7.96 -19.54
N PRO A 234 -12.79 -8.37 -20.79
CA PRO A 234 -13.92 -9.31 -20.90
C PRO A 234 -13.67 -10.69 -20.26
N LYS A 235 -12.44 -11.21 -20.20
CA LYS A 235 -12.19 -12.51 -19.56
C LYS A 235 -12.30 -12.42 -18.03
N ILE A 236 -12.01 -11.22 -17.49
CA ILE A 236 -12.18 -11.03 -16.00
C ILE A 236 -13.69 -10.99 -15.73
N LYS A 237 -14.45 -10.26 -16.57
CA LYS A 237 -15.90 -10.19 -16.40
C LYS A 237 -16.67 -11.49 -16.58
N GLU A 238 -16.21 -12.32 -17.50
CA GLU A 238 -16.69 -13.70 -17.59
C GLU A 238 -16.48 -14.55 -16.36
N ILE A 239 -15.26 -14.56 -15.81
CA ILE A 239 -15.07 -15.32 -14.56
C ILE A 239 -15.97 -14.76 -13.48
N ALA A 240 -16.07 -13.43 -13.43
CA ALA A 240 -16.97 -12.72 -12.48
C ALA A 240 -18.44 -13.18 -12.58
N ALA A 241 -18.98 -13.13 -13.79
CA ALA A 241 -20.37 -13.67 -14.05
C ALA A 241 -20.51 -15.06 -13.51
N LYS A 242 -19.52 -15.94 -13.73
CA LYS A 242 -19.66 -17.31 -13.25
C LYS A 242 -19.88 -17.38 -11.70
N HIS A 243 -19.45 -16.35 -10.96
CA HIS A 243 -19.56 -16.40 -9.51
C HIS A 243 -20.59 -15.48 -9.00
N LYS A 244 -21.27 -14.80 -9.92
CA LYS A 244 -22.25 -13.76 -9.61
C LYS A 244 -21.56 -12.66 -8.80
N LYS A 245 -20.51 -12.05 -9.38
CA LYS A 245 -19.65 -11.08 -8.68
C LYS A 245 -19.25 -10.02 -9.70
N THR A 246 -18.71 -8.91 -9.29
CA THR A 246 -18.27 -7.89 -10.25
C THR A 246 -16.80 -8.19 -10.64
N ALA A 247 -16.30 -7.60 -11.74
CA ALA A 247 -14.88 -7.70 -12.10
C ALA A 247 -14.00 -7.23 -10.90
N ALA A 248 -14.35 -6.10 -10.30
CA ALA A 248 -13.59 -5.55 -9.14
C ALA A 248 -13.45 -6.58 -8.01
N GLN A 249 -14.53 -7.26 -7.72
CA GLN A 249 -14.48 -8.27 -6.68
C GLN A 249 -13.61 -9.45 -7.08
N VAL A 250 -13.62 -9.86 -8.35
CA VAL A 250 -12.68 -10.93 -8.81
C VAL A 250 -11.18 -10.45 -8.69
N LEU A 251 -10.94 -9.21 -9.12
CA LEU A 251 -9.63 -8.55 -9.08
C LEU A 251 -9.11 -8.47 -7.60
N ILE A 252 -10.04 -8.26 -6.64
CA ILE A 252 -9.67 -8.23 -5.20
C ILE A 252 -9.42 -9.67 -4.73
N ARG A 253 -10.35 -10.59 -5.06
CA ARG A 253 -10.19 -11.98 -4.61
C ARG A 253 -8.90 -12.70 -5.15
N PHE A 254 -8.46 -12.32 -6.33
CA PHE A 254 -7.24 -12.88 -6.90
C PHE A 254 -6.06 -12.80 -5.87
N HIS A 255 -5.88 -11.63 -5.25
CA HIS A 255 -4.81 -11.47 -4.30
C HIS A 255 -5.07 -12.30 -3.05
N ILE A 256 -6.34 -12.35 -2.60
CA ILE A 256 -6.65 -13.04 -1.35
C ILE A 256 -6.24 -14.48 -1.50
N GLN A 257 -6.51 -15.07 -2.67
CA GLN A 257 -6.15 -16.47 -2.83
C GLN A 257 -4.66 -16.76 -2.99
N ARG A 258 -3.84 -15.72 -3.12
CA ARG A 258 -2.39 -15.88 -3.12
C ARG A 258 -1.80 -15.49 -1.79
N ASN A 259 -2.67 -15.26 -0.81
CA ASN A 259 -2.21 -14.77 0.44
C ASN A 259 -1.55 -13.43 0.44
N VAL A 260 -2.02 -12.58 -0.46
CA VAL A 260 -1.45 -11.22 -0.65
C VAL A 260 -2.47 -10.23 -0.16
N ILE A 261 -2.03 -9.31 0.68
CA ILE A 261 -2.92 -8.31 1.22
C ILE A 261 -3.26 -7.32 0.08
N VAL A 262 -4.45 -6.76 0.06
CA VAL A 262 -4.88 -5.94 -1.10
C VAL A 262 -5.66 -4.72 -0.62
N ILE A 263 -5.40 -3.55 -1.22
CA ILE A 263 -5.92 -2.25 -0.70
C ILE A 263 -6.65 -1.36 -1.75
N PRO A 264 -7.82 -1.83 -2.23
CA PRO A 264 -8.54 -1.01 -3.20
C PRO A 264 -9.02 0.28 -2.64
N LYS A 265 -8.88 1.35 -3.45
CA LYS A 265 -9.32 2.68 -3.08
C LYS A 265 -10.70 2.93 -3.66
N SER A 266 -11.60 3.48 -2.84
CA SER A 266 -12.87 4.09 -3.35
C SER A 266 -13.33 5.14 -2.38
N VAL A 267 -13.89 6.20 -2.93
CA VAL A 267 -14.71 7.08 -2.16
C VAL A 267 -16.23 6.95 -2.46
N THR A 268 -16.65 5.88 -3.09
CA THR A 268 -18.11 5.70 -3.42
C THR A 268 -18.62 4.69 -2.42
N PRO A 269 -19.64 5.10 -1.61
CA PRO A 269 -20.09 4.15 -0.59
C PRO A 269 -20.47 2.77 -1.08
N ALA A 270 -21.19 2.64 -2.20
CA ALA A 270 -21.59 1.31 -2.68
C ALA A 270 -20.41 0.39 -3.06
N ARG A 271 -19.41 1.00 -3.70
CA ARG A 271 -18.19 0.26 -4.11
C ARG A 271 -17.32 -0.14 -2.90
N ILE A 272 -17.18 0.76 -1.91
CA ILE A 272 -16.54 0.37 -0.61
C ILE A 272 -17.13 -0.91 -0.07
N VAL A 273 -18.47 -1.00 0.00
CA VAL A 273 -19.10 -2.21 0.50
C VAL A 273 -18.85 -3.35 -0.42
N GLU A 274 -18.99 -3.11 -1.72
CA GLU A 274 -18.78 -4.20 -2.69
C GLU A 274 -17.37 -4.79 -2.59
N ASN A 275 -16.37 -3.92 -2.36
CA ASN A 275 -14.97 -4.40 -2.42
C ASN A 275 -14.55 -5.28 -1.22
N ILE A 276 -15.38 -5.27 -0.15
CA ILE A 276 -15.04 -6.19 0.99
C ILE A 276 -15.95 -7.44 1.01
N GLN A 277 -16.90 -7.46 0.05
CA GLN A 277 -17.71 -8.66 -0.14
C GLN A 277 -17.07 -9.64 -1.00
N VAL A 278 -15.97 -10.15 -0.49
CA VAL A 278 -15.18 -11.03 -1.30
C VAL A 278 -14.79 -12.27 -0.55
N PHE A 279 -15.50 -12.56 0.54
CA PHE A 279 -15.16 -13.72 1.32
C PHE A 279 -16.28 -14.81 1.27
N ASP A 280 -17.17 -14.68 0.29
CA ASP A 280 -18.25 -15.66 0.11
C ASP A 280 -18.14 -16.49 -1.20
N PHE A 281 -16.98 -16.49 -1.85
CA PHE A 281 -16.74 -17.24 -3.08
C PHE A 281 -15.27 -17.62 -3.18
N LYS A 282 -14.97 -18.58 -4.04
CA LYS A 282 -13.63 -19.07 -4.18
C LYS A 282 -13.44 -19.22 -5.69
N LEU A 283 -12.34 -18.67 -6.22
CA LEU A 283 -11.91 -18.90 -7.58
C LEU A 283 -11.34 -20.27 -7.69
N SER A 284 -11.73 -21.03 -8.74
CA SER A 284 -11.17 -22.37 -8.87
C SER A 284 -9.68 -22.30 -9.22
N ASP A 285 -8.96 -23.41 -9.01
CA ASP A 285 -7.57 -23.52 -9.45
C ASP A 285 -7.40 -23.23 -10.91
N GLU A 286 -8.30 -23.73 -11.76
CA GLU A 286 -8.33 -23.35 -13.18
C GLU A 286 -8.43 -21.84 -13.38
N GLU A 287 -9.37 -21.21 -12.68
CA GLU A 287 -9.61 -19.77 -12.82
C GLU A 287 -8.39 -18.91 -12.37
N MET A 288 -7.74 -19.36 -11.30
CA MET A 288 -6.50 -18.73 -10.80
C MET A 288 -5.39 -18.81 -11.84
N ALA A 289 -5.19 -20.01 -12.40
CA ALA A 289 -4.19 -20.23 -13.47
C ALA A 289 -4.45 -19.35 -14.71
N THR A 290 -5.73 -19.21 -15.09
CA THR A 290 -6.15 -18.35 -16.16
C THR A 290 -5.84 -16.89 -15.89
N ILE A 291 -6.27 -16.42 -14.72
CA ILE A 291 -6.01 -15.03 -14.35
C ILE A 291 -4.48 -14.77 -14.28
N LEU A 292 -3.73 -15.65 -13.63
CA LEU A 292 -2.27 -15.53 -13.62
C LEU A 292 -1.63 -15.45 -14.98
N SER A 293 -2.19 -16.21 -15.94
CA SER A 293 -1.74 -16.17 -17.35
C SER A 293 -1.93 -14.86 -18.03
N PHE A 294 -2.69 -13.93 -17.43
CA PHE A 294 -2.84 -12.61 -18.06
C PHE A 294 -1.66 -11.66 -17.87
N ASN A 295 -0.62 -12.08 -17.15
CA ASN A 295 0.53 -11.18 -16.85
C ASN A 295 1.04 -10.47 -18.14
N ARG A 296 1.16 -9.14 -18.11
CA ARG A 296 1.70 -8.42 -19.27
C ARG A 296 2.92 -7.68 -18.84
N ASN A 297 3.33 -7.84 -17.57
CA ASN A 297 4.39 -6.99 -16.99
C ASN A 297 4.09 -5.53 -17.18
N TRP A 298 2.85 -5.16 -17.00
CA TRP A 298 2.49 -3.77 -17.21
C TRP A 298 2.28 -3.03 -15.90
N ARG A 299 2.99 -1.90 -15.68
CA ARG A 299 2.82 -1.04 -14.49
C ARG A 299 1.97 0.18 -14.80
N ALA A 300 0.85 0.30 -14.08
CA ALA A 300 0.08 1.55 -14.14
C ALA A 300 0.76 2.65 -13.38
N CYS A 301 1.54 2.30 -12.37
N CYS A 301 1.53 2.30 -12.36
CA CYS A 301 2.08 3.32 -11.49
CA CYS A 301 2.13 3.31 -11.54
C CYS A 301 3.60 3.42 -11.76
C CYS A 301 3.61 3.37 -11.79
N ASN A 302 3.97 4.10 -12.85
CA ASN A 302 5.36 4.13 -13.22
C ASN A 302 5.76 5.53 -13.68
N VAL A 303 5.39 6.52 -12.86
CA VAL A 303 5.61 7.94 -13.21
C VAL A 303 6.91 8.61 -12.77
N LEU A 304 7.53 8.16 -11.66
CA LEU A 304 8.77 8.83 -11.21
C LEU A 304 9.83 8.62 -12.30
N GLN A 305 10.32 9.68 -12.91
CA GLN A 305 11.50 9.39 -13.61
C GLN A 305 12.80 9.79 -13.00
N SER A 306 13.31 8.73 -12.43
CA SER A 306 14.31 8.81 -11.40
C SER A 306 15.20 7.62 -11.64
N SER A 307 15.08 7.04 -12.84
CA SER A 307 15.91 5.92 -13.28
C SER A 307 17.34 6.35 -13.42
N HIS A 308 17.60 7.67 -13.37
CA HIS A 308 18.96 8.18 -13.34
C HIS A 308 19.46 8.35 -11.92
N LEU A 309 18.66 8.04 -10.91
CA LEU A 309 19.24 7.95 -9.54
C LEU A 309 19.43 6.49 -9.22
N GLU A 310 20.35 6.26 -8.31
CA GLU A 310 20.68 4.97 -7.80
C GLU A 310 19.46 4.33 -7.10
N ASP A 311 19.39 3.01 -7.09
CA ASP A 311 18.32 2.33 -6.43
C ASP A 311 16.93 2.52 -7.10
N TYR A 312 16.94 2.73 -8.41
CA TYR A 312 15.70 2.61 -9.17
C TYR A 312 15.13 1.17 -9.14
N PRO A 313 13.91 0.97 -8.54
CA PRO A 313 13.51 -0.41 -8.23
C PRO A 313 13.11 -1.21 -9.48
N PHE A 314 12.68 -0.51 -10.55
CA PHE A 314 11.99 -1.21 -11.65
C PHE A 314 12.93 -1.65 -12.79
N ASP A 315 14.20 -1.29 -12.74
CA ASP A 315 15.24 -1.95 -13.60
C ASP A 315 15.51 -3.40 -13.27
N ALA A 316 15.34 -3.81 -12.01
CA ALA A 316 15.60 -5.21 -11.62
C ALA A 316 14.53 -6.08 -12.27
N GLU A 317 14.85 -7.30 -12.62
CA GLU A 317 13.83 -8.20 -13.05
C GLU A 317 12.74 -8.35 -12.00
N TYR A 318 13.12 -8.41 -10.70
CA TYR A 318 12.15 -8.44 -9.58
C TYR A 318 12.87 -8.06 -8.31
PA NAP B . -7.21 1.15 -7.39
O1A NAP B . -6.65 0.14 -8.33
O2A NAP B . -7.62 0.88 -5.99
O5B NAP B . -8.45 1.87 -8.22
C5B NAP B . -9.17 2.94 -7.59
C4B NAP B . -10.17 3.40 -8.68
O4B NAP B . -11.19 2.39 -8.95
C3B NAP B . -11.00 4.59 -8.22
O3B NAP B . -11.17 5.45 -9.45
C2B NAP B . -12.33 4.06 -7.76
O2B NAP B . -13.40 4.99 -8.11
C1B NAP B . -12.51 2.85 -8.62
N9A NAP B . -13.23 1.75 -7.98
C8A NAP B . -13.11 1.38 -6.69
N7A NAP B . -13.85 0.30 -6.47
C5A NAP B . -14.59 0.05 -7.61
C6A NAP B . -15.61 -0.93 -8.01
N6A NAP B . -16.00 -1.85 -7.13
N1A NAP B . -16.06 -0.90 -9.31
C2A NAP B . -15.63 0.06 -10.15
N3A NAP B . -14.68 1.00 -9.89
C4A NAP B . -14.14 1.01 -8.61
O3 NAP B . -6.12 2.34 -7.43
PN NAP B . -5.07 3.04 -6.45
O1N NAP B . -5.75 4.14 -5.69
O2N NAP B . -3.87 3.44 -7.31
O5D NAP B . -4.59 1.79 -5.53
C5D NAP B . -5.18 1.45 -4.23
C4D NAP B . -4.42 2.11 -3.06
O4D NAP B . -3.04 1.67 -3.04
C3D NAP B . -4.19 3.58 -3.18
O3D NAP B . -5.34 4.40 -2.96
C2D NAP B . -3.09 3.78 -2.10
O2D NAP B . -3.70 3.72 -0.79
C1D NAP B . -2.20 2.59 -2.40
N1N NAP B . -1.16 2.90 -3.39
C2N NAP B . 0.13 2.88 -2.97
C3N NAP B . 1.18 3.21 -3.86
C7N NAP B . 2.60 3.17 -3.35
O7N NAP B . 3.52 3.64 -4.03
N7N NAP B . 2.85 2.52 -2.19
C4N NAP B . 0.93 3.51 -5.21
C5N NAP B . -0.38 3.46 -5.64
C6N NAP B . -1.43 3.13 -4.70
P2B NAP B . -14.15 5.81 -6.94
O1X NAP B . -13.11 6.21 -5.90
O2X NAP B . -14.54 7.03 -7.62
O3X NAP B . -15.25 4.85 -6.45
#